data_9K48
#
_entry.id   9K48
#
_cell.length_a   105.959
_cell.length_b   105.959
_cell.length_c   221.997
_cell.angle_alpha   90.00
_cell.angle_beta   90.00
_cell.angle_gamma   120.00
#
_symmetry.space_group_name_H-M   'P 65 2 2'
#
loop_
_entity.id
_entity.type
_entity.pdbx_description
1 polymer 'Cocaine esterase'
2 non-polymer 'BENZOIC ACID'
3 water water
#
_entity_poly.entity_id   1
_entity_poly.type   'polypeptide(L)'
_entity_poly.pdbx_seq_one_letter_code
;MVDGNYSVASNVMVPMRDGVRLAVDLYRPDADGPVPVLLVRNPYDKFDVFKWSTQSTNWLEFVRDGYAVVIQDTRGLFAS
EGEFVPHVDDEADAEDTLSWILEQAWCDGNVGMFGKAYLGVTQWQAAVSGVGGLKAIAPSMASADLYRAPWYGPGGALSV
EALLGWSALIGRQLITSRSDARPEDAADFVQLAAILNDVAGAASVTPLAEQPLLGRLIPWVIDQVVDHPDNDESWQSISL
FERLGGLATPALITAGWYDGFVGESLRTFVAVKDNADARLVVGPWSHSNLTGRNADRKFGIAATYPIQEATTMHKAFFDR
HLRGETDALAGVPKVRLFVMGIDEWRDETDWPLPDTAYTPFYLGGSGAANTSTGGGTLSTSISGTESADTYLYDPADPVP
SLGGTLLFHNGDNGPADQRPIHDRDDVLCYSTEVLTDPVEVTGTVSARLFVSSSAVDTDFTAKLVDVFPDGRAIALCDGI
VRMRYRETLVNPTLIEAGEIYEVAIDMLATSNVFLPGHRIMVQVSSSNFPKYDRNSNTGGVIAREQLEEMCTAVNRIHRG
PEHPSHIVLPIIKR
;
_entity_poly.pdbx_strand_id   A
#
loop_
_chem_comp.id
_chem_comp.type
_chem_comp.name
_chem_comp.formula
BEZ non-polymer 'BENZOIC ACID' 'C7 H6 O2'
#
# COMPACT_ATOMS: atom_id res chain seq x y z
N VAL A 2 -13.96 -36.82 15.24
CA VAL A 2 -13.16 -36.27 16.33
C VAL A 2 -12.93 -34.77 16.13
N ASP A 3 -13.46 -33.96 17.04
CA ASP A 3 -13.21 -32.52 17.00
C ASP A 3 -11.72 -32.25 17.17
N GLY A 4 -11.22 -31.23 16.50
CA GLY A 4 -9.80 -30.95 16.46
C GLY A 4 -9.03 -31.69 15.38
N ASN A 5 -9.61 -32.72 14.78
CA ASN A 5 -8.93 -33.53 13.76
C ASN A 5 -9.39 -33.13 12.37
N TYR A 6 -8.50 -33.29 11.38
CA TYR A 6 -8.82 -32.93 10.01
C TYR A 6 -7.97 -33.74 9.05
N SER A 7 -8.29 -33.62 7.77
CA SER A 7 -7.55 -34.25 6.70
C SER A 7 -7.24 -33.21 5.62
N VAL A 8 -6.27 -33.53 4.77
CA VAL A 8 -5.76 -32.62 3.76
C VAL A 8 -5.68 -33.37 2.44
N ALA A 9 -6.43 -32.90 1.45
CA ALA A 9 -6.41 -33.47 0.11
C ALA A 9 -5.72 -32.46 -0.80
N SER A 10 -4.73 -32.93 -1.56
CA SER A 10 -3.88 -32.06 -2.35
C SER A 10 -4.26 -32.11 -3.81
N ASN A 11 -4.18 -30.97 -4.48
CA ASN A 11 -4.29 -30.87 -5.93
C ASN A 11 -5.66 -31.35 -6.44
N VAL A 12 -6.71 -31.03 -5.68
CA VAL A 12 -8.06 -31.17 -6.20
C VAL A 12 -8.26 -30.13 -7.31
N MET A 13 -8.56 -30.60 -8.51
CA MET A 13 -8.61 -29.73 -9.69
C MET A 13 -10.02 -29.20 -9.88
N VAL A 14 -10.15 -27.89 -9.89
CA VAL A 14 -11.44 -27.19 -9.92
C VAL A 14 -11.58 -26.53 -11.29
N PRO A 15 -12.58 -26.91 -12.09
CA PRO A 15 -12.68 -26.37 -13.45
C PRO A 15 -13.35 -25.01 -13.47
N MET A 16 -12.76 -24.10 -14.25
CA MET A 16 -13.31 -22.76 -14.42
C MET A 16 -14.32 -22.77 -15.58
N ARG A 17 -14.94 -21.60 -15.83
CA ARG A 17 -15.96 -21.50 -16.88
C ARG A 17 -15.39 -21.83 -18.26
N ASP A 18 -14.13 -21.46 -18.50
CA ASP A 18 -13.48 -21.68 -19.78
C ASP A 18 -12.85 -23.06 -19.91
N GLY A 19 -13.09 -23.95 -18.94
CA GLY A 19 -12.52 -25.27 -18.96
C GLY A 19 -11.16 -25.41 -18.29
N VAL A 20 -10.42 -24.31 -18.08
CA VAL A 20 -9.13 -24.39 -17.40
C VAL A 20 -9.36 -24.78 -15.94
N ARG A 21 -8.48 -25.63 -15.41
CA ARG A 21 -8.64 -26.16 -14.06
C ARG A 21 -7.62 -25.52 -13.12
N LEU A 22 -8.09 -25.04 -11.98
CA LEU A 22 -7.25 -24.47 -10.94
C LEU A 22 -7.09 -25.48 -9.81
N ALA A 23 -5.88 -25.57 -9.27
CA ALA A 23 -5.58 -26.56 -8.25
C ALA A 23 -5.79 -26.00 -6.84
N VAL A 24 -6.46 -26.78 -5.99
CA VAL A 24 -6.71 -26.41 -4.61
C VAL A 24 -6.24 -27.53 -3.68
N ASP A 25 -5.95 -27.15 -2.43
CA ASP A 25 -5.82 -28.09 -1.32
C ASP A 25 -6.99 -27.90 -0.37
N LEU A 26 -7.52 -29.01 0.14
CA LEU A 26 -8.70 -29.02 0.99
C LEU A 26 -8.29 -29.45 2.39
N TYR A 27 -8.48 -28.55 3.36
CA TYR A 27 -8.27 -28.84 4.77
C TYR A 27 -9.66 -28.97 5.37
N ARG A 28 -10.12 -30.19 5.58
CA ARG A 28 -11.49 -30.42 5.98
C ARG A 28 -11.56 -31.01 7.37
N PRO A 29 -12.31 -30.40 8.29
CA PRO A 29 -12.44 -30.98 9.64
C PRO A 29 -13.09 -32.34 9.53
N ASP A 30 -12.65 -33.25 10.40
CA ASP A 30 -13.22 -34.59 10.47
C ASP A 30 -14.53 -34.48 11.23
N ALA A 31 -15.62 -34.32 10.49
CA ALA A 31 -16.91 -34.04 11.11
C ALA A 31 -17.99 -34.55 10.19
N ASP A 32 -19.13 -34.91 10.78
CA ASP A 32 -20.30 -35.23 9.99
C ASP A 32 -21.01 -33.95 9.60
N GLY A 33 -21.61 -33.96 8.43
CA GLY A 33 -22.35 -32.81 7.97
C GLY A 33 -21.42 -31.73 7.45
N PRO A 34 -21.98 -30.84 6.64
CA PRO A 34 -21.15 -29.81 6.00
C PRO A 34 -20.77 -28.71 7.00
N VAL A 35 -19.75 -27.95 6.62
CA VAL A 35 -19.12 -26.97 7.51
C VAL A 35 -18.96 -25.65 6.76
N PRO A 36 -18.84 -24.54 7.49
CA PRO A 36 -18.43 -23.28 6.85
C PRO A 36 -17.03 -23.41 6.27
N VAL A 37 -16.73 -22.62 5.24
CA VAL A 37 -15.54 -22.79 4.43
C VAL A 37 -14.79 -21.46 4.28
N LEU A 38 -13.47 -21.52 4.33
CA LEU A 38 -12.63 -20.32 4.14
C LEU A 38 -11.73 -20.54 2.92
N LEU A 39 -11.71 -19.58 2.01
CA LEU A 39 -10.98 -19.71 0.75
C LEU A 39 -9.84 -18.72 0.69
N VAL A 40 -8.67 -19.19 0.26
CA VAL A 40 -7.49 -18.36 0.09
C VAL A 40 -7.01 -18.53 -1.35
N ARG A 41 -6.90 -17.43 -2.09
CA ARG A 41 -6.48 -17.48 -3.49
C ARG A 41 -5.08 -16.89 -3.57
N ASN A 42 -4.11 -17.72 -3.92
CA ASN A 42 -2.70 -17.49 -3.60
C ASN A 42 -1.88 -17.66 -4.87
N PRO A 43 -1.10 -16.65 -5.27
CA PRO A 43 -0.20 -16.81 -6.41
C PRO A 43 1.19 -17.31 -6.03
N TYR A 44 1.44 -17.65 -4.78
CA TYR A 44 2.79 -17.97 -4.32
C TYR A 44 2.89 -19.41 -3.82
N ASP A 45 2.09 -20.32 -4.41
CA ASP A 45 2.08 -21.76 -4.16
C ASP A 45 1.27 -22.11 -2.92
N LYS A 46 0.09 -22.70 -3.14
CA LYS A 46 -0.75 -23.16 -2.04
C LYS A 46 -0.01 -24.09 -1.09
N PHE A 47 0.96 -24.87 -1.61
CA PHE A 47 1.71 -25.78 -0.74
C PHE A 47 2.53 -25.03 0.30
N ASP A 48 2.99 -23.83 -0.03
CA ASP A 48 3.98 -23.11 0.76
C ASP A 48 3.28 -22.20 1.77
N VAL A 49 2.65 -22.84 2.77
CA VAL A 49 1.85 -22.10 3.73
C VAL A 49 2.70 -21.29 4.69
N PHE A 50 3.96 -21.69 4.92
CA PHE A 50 4.78 -20.97 5.88
C PHE A 50 5.26 -19.64 5.34
N LYS A 51 5.23 -19.46 4.02
CA LYS A 51 5.74 -18.23 3.46
C LYS A 51 4.93 -17.01 3.88
N TRP A 52 3.61 -17.16 4.04
CA TRP A 52 2.73 -16.02 4.31
C TRP A 52 1.98 -16.12 5.62
N SER A 53 1.81 -17.33 6.17
CA SER A 53 0.89 -17.50 7.28
C SER A 53 1.31 -16.68 8.50
N THR A 54 2.62 -16.56 8.75
CA THR A 54 3.08 -15.77 9.90
C THR A 54 2.70 -14.31 9.77
N GLN A 55 2.40 -13.83 8.56
CA GLN A 55 1.93 -12.46 8.37
C GLN A 55 0.42 -12.35 8.43
N SER A 56 -0.28 -13.45 8.72
CA SER A 56 -1.73 -13.48 8.64
C SER A 56 -2.39 -13.95 9.94
N THR A 57 -2.56 -15.26 10.08
CA THR A 57 -3.29 -15.88 11.17
C THR A 57 -2.73 -17.27 11.38
N ASN A 58 -2.92 -17.80 12.59
CA ASN A 58 -2.73 -19.23 12.84
C ASN A 58 -4.01 -19.94 12.40
N TRP A 59 -4.16 -20.07 11.07
CA TRP A 59 -5.46 -20.49 10.53
C TRP A 59 -5.76 -21.97 10.72
N LEU A 60 -4.78 -22.81 11.05
CA LEU A 60 -5.12 -24.20 11.38
C LEU A 60 -6.04 -24.25 12.61
N GLU A 61 -6.03 -23.21 13.44
CA GLU A 61 -7.02 -23.08 14.49
C GLU A 61 -8.43 -23.08 13.92
N PHE A 62 -8.62 -22.44 12.76
CA PHE A 62 -9.93 -22.45 12.13
C PHE A 62 -10.35 -23.87 11.79
N VAL A 63 -9.42 -24.66 11.24
CA VAL A 63 -9.74 -26.02 10.83
C VAL A 63 -10.01 -26.91 12.02
N ARG A 64 -9.21 -26.78 13.08
CA ARG A 64 -9.46 -27.54 14.30
C ARG A 64 -10.78 -27.16 14.93
N ASP A 65 -11.21 -25.91 14.76
CA ASP A 65 -12.48 -25.46 15.30
C ASP A 65 -13.65 -25.78 14.37
N GLY A 66 -13.42 -26.54 13.30
CA GLY A 66 -14.49 -26.98 12.44
C GLY A 66 -14.73 -26.20 11.16
N TYR A 67 -13.81 -25.32 10.76
CA TYR A 67 -13.91 -24.71 9.44
C TYR A 67 -13.16 -25.58 8.44
N ALA A 68 -13.66 -25.63 7.22
CA ALA A 68 -12.82 -26.11 6.13
C ALA A 68 -12.02 -24.94 5.56
N VAL A 69 -10.80 -25.22 5.14
CA VAL A 69 -9.98 -24.20 4.49
C VAL A 69 -9.57 -24.71 3.13
N VAL A 70 -9.78 -23.88 2.12
CA VAL A 70 -9.40 -24.17 0.74
C VAL A 70 -8.33 -23.16 0.35
N ILE A 71 -7.17 -23.66 -0.09
CA ILE A 71 -6.11 -22.80 -0.59
C ILE A 71 -5.88 -23.16 -2.05
N GLN A 72 -5.86 -22.15 -2.90
CA GLN A 72 -5.89 -22.34 -4.35
C GLN A 72 -4.69 -21.66 -5.00
N ASP A 73 -4.06 -22.37 -5.94
CA ASP A 73 -3.12 -21.73 -6.85
C ASP A 73 -3.91 -20.91 -7.86
N THR A 74 -3.59 -19.62 -7.99
CA THR A 74 -4.28 -18.84 -8.99
C THR A 74 -3.90 -19.32 -10.41
N ARG A 75 -4.57 -18.75 -11.40
CA ARG A 75 -4.47 -19.29 -12.75
C ARG A 75 -3.03 -19.22 -13.29
N GLY A 76 -2.56 -20.33 -13.84
CA GLY A 76 -1.30 -20.37 -14.55
C GLY A 76 -0.07 -20.54 -13.69
N LEU A 77 -0.21 -20.80 -12.39
CA LEU A 77 0.91 -20.88 -11.47
C LEU A 77 0.92 -22.22 -10.76
N PHE A 78 2.12 -22.78 -10.59
CA PHE A 78 2.32 -24.01 -9.84
C PHE A 78 1.40 -25.13 -10.32
N ALA A 79 0.55 -25.67 -9.46
CA ALA A 79 -0.25 -26.82 -9.90
C ALA A 79 -1.48 -26.44 -10.73
N SER A 80 -1.72 -25.17 -10.98
CA SER A 80 -2.88 -24.74 -11.76
C SER A 80 -2.55 -24.68 -13.26
N GLU A 81 -3.56 -24.98 -14.08
CA GLU A 81 -3.45 -24.88 -15.53
C GLU A 81 -3.61 -23.43 -15.96
N GLY A 82 -3.54 -23.20 -17.28
CA GLY A 82 -3.77 -21.87 -17.81
C GLY A 82 -2.51 -21.02 -17.88
N GLU A 83 -2.71 -19.74 -18.11
CA GLU A 83 -1.63 -18.79 -18.24
C GLU A 83 -1.81 -17.69 -17.20
N PHE A 84 -0.70 -17.28 -16.59
CA PHE A 84 -0.73 -16.30 -15.52
C PHE A 84 -0.56 -14.89 -16.07
N VAL A 85 -1.55 -14.04 -15.83
CA VAL A 85 -1.41 -12.59 -16.02
C VAL A 85 -2.00 -11.97 -14.76
N PRO A 86 -1.28 -11.09 -14.07
CA PRO A 86 -1.80 -10.56 -12.79
C PRO A 86 -3.17 -9.91 -12.94
N HIS A 87 -4.06 -10.20 -11.98
CA HIS A 87 -5.31 -9.50 -11.73
C HIS A 87 -6.45 -9.83 -12.70
N VAL A 88 -6.15 -10.01 -13.99
CA VAL A 88 -7.20 -9.96 -15.00
C VAL A 88 -8.14 -11.17 -14.98
N ASP A 89 -7.72 -12.30 -14.42
CA ASP A 89 -8.61 -13.46 -14.36
C ASP A 89 -9.20 -13.71 -12.99
N ASP A 90 -8.85 -12.90 -12.00
CA ASP A 90 -9.16 -13.31 -10.63
C ASP A 90 -10.62 -13.07 -10.26
N GLU A 91 -11.29 -12.09 -10.87
CA GLU A 91 -12.72 -11.94 -10.63
C GLU A 91 -13.49 -13.19 -11.07
N ALA A 92 -13.30 -13.60 -12.32
CA ALA A 92 -14.04 -14.73 -12.86
C ALA A 92 -13.60 -16.03 -12.20
N ASP A 93 -12.30 -16.19 -11.98
CA ASP A 93 -11.80 -17.41 -11.36
C ASP A 93 -12.29 -17.56 -9.93
N ALA A 94 -12.45 -16.44 -9.21
CA ALA A 94 -12.97 -16.51 -7.84
C ALA A 94 -14.45 -16.84 -7.83
N GLU A 95 -15.22 -16.20 -8.73
CA GLU A 95 -16.63 -16.52 -8.85
C GLU A 95 -16.83 -18.00 -9.10
N ASP A 96 -16.12 -18.55 -10.09
CA ASP A 96 -16.27 -19.98 -10.39
C ASP A 96 -15.82 -20.84 -9.21
N THR A 97 -14.75 -20.44 -8.52
CA THR A 97 -14.25 -21.21 -7.41
C THR A 97 -15.25 -21.20 -6.26
N LEU A 98 -15.84 -20.04 -5.96
CA LEU A 98 -16.87 -19.98 -4.92
C LEU A 98 -18.07 -20.84 -5.29
N SER A 99 -18.47 -20.81 -6.57
CA SER A 99 -19.58 -21.65 -7.03
C SER A 99 -19.28 -23.12 -6.81
N TRP A 100 -18.09 -23.57 -7.22
CA TRP A 100 -17.69 -24.96 -7.00
C TRP A 100 -17.75 -25.32 -5.51
N ILE A 101 -17.18 -24.46 -4.65
CA ILE A 101 -17.15 -24.76 -3.23
C ILE A 101 -18.55 -24.97 -2.69
N LEU A 102 -19.48 -24.09 -3.08
CA LEU A 102 -20.86 -24.13 -2.58
C LEU A 102 -21.58 -25.39 -3.00
N GLU A 103 -21.17 -25.99 -4.13
CA GLU A 103 -21.71 -27.26 -4.58
C GLU A 103 -21.21 -28.45 -3.78
N GLN A 104 -20.09 -28.32 -3.07
CA GLN A 104 -19.47 -29.50 -2.48
C GLN A 104 -20.28 -30.02 -1.29
N ALA A 105 -20.21 -31.34 -1.09
CA ALA A 105 -20.92 -32.01 -0.01
C ALA A 105 -20.53 -31.47 1.36
N TRP A 106 -19.26 -31.07 1.53
CA TRP A 106 -18.74 -30.62 2.81
C TRP A 106 -18.93 -29.12 3.06
N CYS A 107 -19.56 -28.38 2.16
CA CYS A 107 -19.78 -26.94 2.36
C CYS A 107 -21.22 -26.70 2.82
N ASP A 108 -21.38 -25.93 3.89
CA ASP A 108 -22.72 -25.70 4.43
C ASP A 108 -23.37 -24.41 3.90
N GLY A 109 -22.83 -23.81 2.85
CA GLY A 109 -23.40 -22.61 2.28
C GLY A 109 -22.79 -21.31 2.75
N ASN A 110 -21.79 -21.35 3.63
CA ASN A 110 -21.13 -20.15 4.14
C ASN A 110 -19.66 -20.20 3.80
N VAL A 111 -19.20 -19.22 3.03
CA VAL A 111 -17.79 -19.10 2.65
C VAL A 111 -17.26 -17.75 3.13
N GLY A 112 -16.02 -17.76 3.62
CA GLY A 112 -15.26 -16.54 3.87
C GLY A 112 -13.90 -16.62 3.20
N MET A 113 -13.13 -15.55 3.36
CA MET A 113 -11.76 -15.51 2.85
C MET A 113 -10.86 -14.74 3.80
N PHE A 114 -9.55 -14.94 3.66
CA PHE A 114 -8.56 -14.15 4.39
C PHE A 114 -7.26 -14.20 3.60
N GLY A 115 -6.31 -13.36 3.99
CA GLY A 115 -5.05 -13.29 3.28
C GLY A 115 -4.58 -11.86 3.08
N LYS A 116 -3.28 -11.72 2.79
CA LYS A 116 -2.57 -10.45 2.79
C LYS A 116 -2.12 -10.06 1.39
N ALA A 117 -2.16 -8.77 1.09
CA ALA A 117 -1.62 -8.20 -0.14
C ALA A 117 -2.33 -8.74 -1.39
N TYR A 118 -1.60 -9.42 -2.28
CA TYR A 118 -2.24 -10.04 -3.45
C TYR A 118 -3.35 -11.00 -3.02
N LEU A 119 -3.18 -11.70 -1.89
CA LEU A 119 -4.23 -12.54 -1.34
C LEU A 119 -5.35 -11.73 -0.67
N GLY A 120 -5.15 -10.44 -0.45
CA GLY A 120 -6.23 -9.56 -0.03
C GLY A 120 -6.95 -8.95 -1.22
N VAL A 121 -6.19 -8.57 -2.25
CA VAL A 121 -6.78 -8.11 -3.50
C VAL A 121 -7.75 -9.15 -4.04
N THR A 122 -7.34 -10.42 -4.06
CA THR A 122 -8.19 -11.48 -4.61
C THR A 122 -9.51 -11.62 -3.87
N GLN A 123 -9.58 -11.14 -2.63
CA GLN A 123 -10.83 -11.16 -1.86
C GLN A 123 -11.80 -10.07 -2.32
N TRP A 124 -11.30 -8.85 -2.54
CA TRP A 124 -12.14 -7.83 -3.17
C TRP A 124 -12.60 -8.28 -4.57
N GLN A 125 -11.75 -8.98 -5.31
CA GLN A 125 -12.18 -9.44 -6.62
C GLN A 125 -13.22 -10.55 -6.51
N ALA A 126 -13.18 -11.33 -5.43
CA ALA A 126 -14.24 -12.29 -5.15
C ALA A 126 -15.50 -11.59 -4.67
N ALA A 127 -15.35 -10.54 -3.87
CA ALA A 127 -16.50 -9.90 -3.23
C ALA A 127 -17.45 -9.24 -4.23
N VAL A 128 -16.92 -8.77 -5.38
CA VAL A 128 -17.76 -8.13 -6.40
C VAL A 128 -18.50 -9.13 -7.27
N SER A 129 -18.31 -10.43 -7.07
CA SER A 129 -18.95 -11.43 -7.90
C SER A 129 -20.44 -11.54 -7.64
N GLY A 130 -20.92 -11.09 -6.48
CA GLY A 130 -22.32 -11.24 -6.16
C GLY A 130 -22.74 -12.63 -5.77
N VAL A 131 -21.79 -13.51 -5.46
CA VAL A 131 -22.13 -14.84 -4.96
C VAL A 131 -22.62 -14.70 -3.52
N GLY A 132 -23.87 -15.08 -3.28
CA GLY A 132 -24.45 -14.89 -1.95
C GLY A 132 -23.77 -15.68 -0.86
N GLY A 133 -23.23 -16.86 -1.19
CA GLY A 133 -22.57 -17.71 -0.21
C GLY A 133 -21.32 -17.10 0.41
N LEU A 134 -20.73 -16.09 -0.22
CA LEU A 134 -19.61 -15.36 0.38
C LEU A 134 -20.14 -14.44 1.46
N LYS A 135 -19.90 -14.80 2.73
CA LYS A 135 -20.47 -14.08 3.86
C LYS A 135 -19.56 -13.02 4.45
N ALA A 136 -18.25 -13.09 4.20
CA ALA A 136 -17.31 -12.19 4.85
C ALA A 136 -15.94 -12.37 4.21
N ILE A 137 -15.16 -11.29 4.23
CA ILE A 137 -13.79 -11.34 3.74
C ILE A 137 -12.91 -10.68 4.80
N ALA A 138 -11.62 -10.98 4.73
CA ALA A 138 -10.64 -10.43 5.67
C ALA A 138 -9.39 -10.04 4.88
N PRO A 139 -9.46 -8.96 4.10
CA PRO A 139 -8.33 -8.57 3.24
C PRO A 139 -7.31 -7.77 4.03
N SER A 140 -6.10 -8.32 4.15
CA SER A 140 -5.08 -7.70 4.98
C SER A 140 -4.07 -6.95 4.11
N MET A 141 -3.81 -5.71 4.48
CA MET A 141 -2.78 -4.87 3.85
C MET A 141 -2.86 -4.96 2.34
N ALA A 142 -4.04 -4.58 1.82
CA ALA A 142 -4.42 -4.85 0.44
C ALA A 142 -5.11 -3.61 -0.13
N SER A 143 -5.63 -3.76 -1.33
CA SER A 143 -6.15 -2.65 -2.12
C SER A 143 -7.26 -3.16 -3.02
N ALA A 144 -8.24 -2.29 -3.27
CA ALA A 144 -9.29 -2.52 -4.26
C ALA A 144 -9.14 -1.64 -5.50
N ASP A 145 -8.01 -0.96 -5.67
CA ASP A 145 -7.77 -0.13 -6.84
C ASP A 145 -6.28 -0.28 -7.15
N LEU A 146 -5.97 -1.10 -8.17
CA LEU A 146 -4.60 -1.54 -8.40
C LEU A 146 -3.71 -0.41 -8.93
N TYR A 147 -4.29 0.59 -9.60
CA TYR A 147 -3.53 1.78 -9.95
C TYR A 147 -3.11 2.54 -8.70
N ARG A 148 -4.05 2.81 -7.80
CA ARG A 148 -3.72 3.62 -6.63
C ARG A 148 -2.84 2.88 -5.62
N ALA A 149 -2.91 1.56 -5.57
CA ALA A 149 -1.92 0.74 -4.86
C ALA A 149 -2.05 -0.69 -5.38
N PRO A 150 -0.92 -1.31 -5.74
CA PRO A 150 0.43 -0.83 -5.47
C PRO A 150 1.20 -0.33 -6.69
N TRP A 151 0.59 -0.18 -7.86
CA TRP A 151 1.45 0.03 -9.03
C TRP A 151 1.73 1.52 -9.32
N TYR A 152 0.74 2.39 -9.13
CA TYR A 152 0.95 3.81 -9.33
C TYR A 152 0.67 4.50 -7.99
N GLY A 153 -0.27 5.41 -7.92
CA GLY A 153 -0.65 6.02 -6.67
C GLY A 153 -1.60 7.18 -6.92
N PRO A 154 -2.17 7.71 -5.85
CA PRO A 154 -3.05 8.88 -6.00
C PRO A 154 -2.37 10.09 -6.59
N GLY A 155 -1.04 10.13 -6.62
CA GLY A 155 -0.36 11.25 -7.23
C GLY A 155 -0.02 11.09 -8.70
N GLY A 156 -0.27 9.92 -9.29
CA GLY A 156 0.01 9.73 -10.71
C GLY A 156 1.46 9.47 -11.05
N ALA A 157 2.24 8.95 -10.10
CA ALA A 157 3.61 8.53 -10.37
C ALA A 157 3.71 7.01 -10.22
N LEU A 158 4.56 6.42 -11.05
CA LEU A 158 4.77 4.99 -11.04
C LEU A 158 5.56 4.60 -9.79
N SER A 159 5.10 3.57 -9.09
CA SER A 159 5.82 2.99 -7.95
C SER A 159 6.84 2.01 -8.51
N VAL A 160 7.94 2.55 -9.02
CA VAL A 160 8.81 1.73 -9.86
C VAL A 160 9.48 0.63 -9.04
N GLU A 161 9.92 0.93 -7.80
CA GLU A 161 10.53 -0.14 -7.01
C GLU A 161 9.53 -1.24 -6.68
N ALA A 162 8.25 -0.88 -6.53
CA ALA A 162 7.23 -1.89 -6.31
C ALA A 162 7.09 -2.79 -7.54
N LEU A 163 7.01 -2.17 -8.71
CA LEU A 163 6.87 -2.91 -9.96
C LEU A 163 8.04 -3.87 -10.18
N LEU A 164 9.26 -3.33 -10.14
CA LEU A 164 10.42 -4.14 -10.50
C LEU A 164 10.70 -5.21 -9.46
N GLY A 165 10.58 -4.86 -8.17
CA GLY A 165 10.81 -5.85 -7.13
C GLY A 165 9.82 -7.00 -7.19
N TRP A 166 8.53 -6.69 -7.35
CA TRP A 166 7.53 -7.75 -7.41
C TRP A 166 7.68 -8.61 -8.66
N SER A 167 7.96 -7.97 -9.80
CA SER A 167 8.14 -8.73 -11.03
C SER A 167 9.32 -9.69 -10.91
N ALA A 168 10.40 -9.23 -10.30
CA ALA A 168 11.57 -10.08 -10.15
C ALA A 168 11.26 -11.28 -9.25
N LEU A 169 10.46 -11.08 -8.19
CA LEU A 169 10.11 -12.21 -7.33
C LEU A 169 9.21 -13.20 -8.06
N ILE A 170 8.33 -12.70 -8.95
CA ILE A 170 7.51 -13.58 -9.76
C ILE A 170 8.37 -14.36 -10.74
N GLY A 171 9.35 -13.69 -11.36
CA GLY A 171 10.25 -14.39 -12.27
C GLY A 171 11.00 -15.52 -11.60
N ARG A 172 11.58 -15.25 -10.42
CA ARG A 172 12.32 -16.30 -9.71
C ARG A 172 11.39 -17.46 -9.36
N GLN A 173 10.20 -17.13 -8.89
CA GLN A 173 9.17 -18.12 -8.62
C GLN A 173 8.90 -18.98 -9.85
N LEU A 174 8.70 -18.34 -11.01
CA LEU A 174 8.44 -19.08 -12.23
C LEU A 174 9.56 -20.06 -12.53
N ILE A 175 10.80 -19.60 -12.41
CA ILE A 175 11.95 -20.42 -12.78
C ILE A 175 12.11 -21.58 -11.80
N THR A 176 12.07 -21.29 -10.50
CA THR A 176 12.14 -22.34 -9.49
C THR A 176 11.06 -23.39 -9.67
N SER A 177 9.90 -23.02 -10.23
CA SER A 177 8.79 -23.93 -10.33
C SER A 177 8.77 -24.75 -11.62
N ARG A 178 9.76 -24.56 -12.50
CA ARG A 178 9.73 -25.23 -13.78
C ARG A 178 9.92 -26.74 -13.62
N SER A 179 9.08 -27.49 -14.33
CA SER A 179 9.22 -28.94 -14.41
C SER A 179 10.59 -29.30 -14.96
N ASP A 180 10.90 -28.85 -16.18
CA ASP A 180 12.20 -29.05 -16.82
C ASP A 180 12.93 -27.71 -16.90
N ALA A 181 14.07 -27.63 -16.24
CA ALA A 181 14.86 -26.41 -16.25
C ALA A 181 15.31 -26.08 -17.67
N ARG A 182 15.22 -24.80 -18.03
CA ARG A 182 15.68 -24.27 -19.31
C ARG A 182 17.14 -23.86 -19.20
N PRO A 183 17.85 -23.83 -20.33
CA PRO A 183 19.30 -23.52 -20.25
C PRO A 183 19.59 -22.14 -19.71
N GLU A 184 18.70 -21.17 -19.97
CA GLU A 184 18.88 -19.80 -19.48
C GLU A 184 18.36 -19.60 -18.06
N ASP A 185 17.71 -20.60 -17.47
CA ASP A 185 17.12 -20.44 -16.14
C ASP A 185 18.16 -20.01 -15.12
N ALA A 186 19.32 -20.68 -15.10
CA ALA A 186 20.32 -20.37 -14.08
C ALA A 186 20.74 -18.90 -14.15
N ALA A 187 20.98 -18.39 -15.35
CA ALA A 187 21.44 -17.01 -15.49
C ALA A 187 20.32 -16.01 -15.20
N ASP A 188 19.13 -16.28 -15.75
CA ASP A 188 17.97 -15.46 -15.43
C ASP A 188 17.81 -15.33 -13.92
N PHE A 189 17.93 -16.45 -13.21
CA PHE A 189 17.75 -16.47 -11.76
C PHE A 189 18.77 -15.57 -11.07
N VAL A 190 20.04 -15.66 -11.49
CA VAL A 190 21.09 -14.84 -10.91
C VAL A 190 20.83 -13.36 -11.18
N GLN A 191 20.33 -13.02 -12.36
CA GLN A 191 20.12 -11.61 -12.66
C GLN A 191 18.84 -11.06 -12.05
N LEU A 192 17.84 -11.90 -11.78
CA LEU A 192 16.69 -11.43 -11.02
C LEU A 192 17.09 -11.09 -9.59
N ALA A 193 18.02 -11.87 -9.02
CA ALA A 193 18.57 -11.54 -7.71
C ALA A 193 19.34 -10.22 -7.76
N ALA A 194 20.03 -9.95 -8.88
CA ALA A 194 20.73 -8.68 -8.99
C ALA A 194 19.77 -7.50 -8.95
N ILE A 195 18.57 -7.66 -9.51
CA ILE A 195 17.56 -6.61 -9.40
C ILE A 195 17.16 -6.44 -7.94
N LEU A 196 16.85 -7.54 -7.26
CA LEU A 196 16.38 -7.48 -5.88
C LEU A 196 17.45 -6.99 -4.91
N ASN A 197 18.74 -7.18 -5.22
CA ASN A 197 19.81 -6.65 -4.37
C ASN A 197 20.08 -5.18 -4.62
N ASP A 198 19.60 -4.62 -5.74
CA ASP A 198 19.83 -3.22 -6.02
C ASP A 198 18.65 -2.70 -6.84
N VAL A 199 17.51 -2.53 -6.16
CA VAL A 199 16.29 -2.16 -6.87
C VAL A 199 16.39 -0.75 -7.44
N ALA A 200 17.05 0.16 -6.73
CA ALA A 200 17.19 1.52 -7.25
C ALA A 200 18.06 1.53 -8.50
N GLY A 201 19.10 0.71 -8.52
CA GLY A 201 19.91 0.62 -9.74
C GLY A 201 19.12 0.05 -10.89
N ALA A 202 18.37 -1.03 -10.64
CA ALA A 202 17.50 -1.57 -11.68
C ALA A 202 16.52 -0.52 -12.20
N ALA A 203 15.93 0.27 -11.31
CA ALA A 203 15.00 1.34 -11.68
C ALA A 203 15.70 2.53 -12.33
N SER A 204 17.02 2.61 -12.27
CA SER A 204 17.75 3.73 -12.87
C SER A 204 17.98 3.58 -14.37
N VAL A 205 17.75 2.42 -14.95
CA VAL A 205 18.07 2.26 -16.37
C VAL A 205 17.02 2.96 -17.21
N THR A 206 17.45 3.79 -18.14
CA THR A 206 16.55 4.45 -19.06
C THR A 206 16.82 3.99 -20.49
N PRO A 207 15.76 3.81 -21.30
CA PRO A 207 14.35 3.99 -20.95
C PRO A 207 13.84 2.95 -19.95
N LEU A 208 13.01 3.41 -19.02
CA LEU A 208 12.40 2.53 -18.05
C LEU A 208 11.67 1.38 -18.72
N ALA A 209 10.96 1.67 -19.81
CA ALA A 209 10.15 0.67 -20.51
C ALA A 209 10.98 -0.42 -21.18
N GLU A 210 12.30 -0.30 -21.21
CA GLU A 210 13.14 -1.34 -21.80
C GLU A 210 13.60 -2.26 -20.70
N GLN A 211 12.94 -3.41 -20.61
CA GLN A 211 13.16 -4.40 -19.56
C GLN A 211 13.38 -5.73 -20.25
N PRO A 212 14.60 -6.01 -20.71
CA PRO A 212 14.82 -7.23 -21.51
C PRO A 212 14.53 -8.50 -20.74
N LEU A 213 14.93 -8.55 -19.47
CA LEU A 213 14.69 -9.72 -18.63
C LEU A 213 13.24 -9.77 -18.14
N LEU A 214 12.80 -8.74 -17.42
CA LEU A 214 11.47 -8.80 -16.80
C LEU A 214 10.36 -8.80 -17.85
N GLY A 215 10.52 -7.99 -18.91
CA GLY A 215 9.54 -7.97 -19.98
C GLY A 215 9.42 -9.28 -20.73
N ARG A 216 10.47 -10.10 -20.70
CA ARG A 216 10.40 -11.41 -21.35
C ARG A 216 9.73 -12.44 -20.43
N LEU A 217 10.14 -12.47 -19.16
CA LEU A 217 9.52 -13.38 -18.20
C LEU A 217 8.06 -13.04 -17.94
N ILE A 218 7.73 -11.76 -17.92
CA ILE A 218 6.35 -11.36 -17.63
C ILE A 218 6.04 -10.08 -18.40
N PRO A 219 5.56 -10.22 -19.66
CA PRO A 219 5.30 -9.05 -20.50
C PRO A 219 4.37 -8.02 -19.91
N TRP A 220 3.44 -8.45 -19.04
CA TRP A 220 2.52 -7.53 -18.39
C TRP A 220 3.25 -6.37 -17.73
N VAL A 221 4.51 -6.57 -17.31
CA VAL A 221 5.28 -5.48 -16.69
C VAL A 221 5.27 -4.25 -17.58
N ILE A 222 5.47 -4.44 -18.88
CA ILE A 222 5.44 -3.33 -19.83
C ILE A 222 4.06 -3.14 -20.42
N ASP A 223 3.49 -4.24 -20.93
CA ASP A 223 2.23 -4.18 -21.67
C ASP A 223 1.13 -3.53 -20.85
N GLN A 224 1.04 -3.84 -19.55
CA GLN A 224 0.06 -3.21 -18.68
C GLN A 224 0.62 -2.01 -17.92
N VAL A 225 1.60 -2.23 -17.04
CA VAL A 225 1.93 -1.22 -16.03
C VAL A 225 2.71 -0.06 -16.63
N VAL A 226 3.89 -0.33 -17.20
CA VAL A 226 4.72 0.76 -17.67
C VAL A 226 4.05 1.52 -18.81
N ASP A 227 3.35 0.80 -19.70
CA ASP A 227 2.74 1.48 -20.86
C ASP A 227 1.48 2.26 -20.53
N HIS A 228 0.89 2.10 -19.36
CA HIS A 228 -0.35 2.80 -19.01
C HIS A 228 -0.12 3.71 -17.81
N PRO A 229 0.56 4.84 -18.00
CA PRO A 229 0.75 5.78 -16.88
C PRO A 229 -0.52 6.49 -16.44
N ASP A 230 -1.51 6.64 -17.33
CA ASP A 230 -2.80 7.24 -16.97
C ASP A 230 -3.71 6.20 -16.35
N ASN A 231 -4.59 6.65 -15.47
CA ASN A 231 -5.56 5.77 -14.82
C ASN A 231 -6.72 5.51 -15.79
N ASP A 232 -6.40 4.76 -16.87
CA ASP A 232 -7.27 4.59 -18.03
C ASP A 232 -8.12 3.32 -17.91
N GLU A 233 -8.76 2.92 -19.01
CA GLU A 233 -9.69 1.80 -18.97
C GLU A 233 -9.01 0.50 -18.57
N SER A 234 -7.73 0.35 -18.91
CA SER A 234 -7.03 -0.88 -18.54
C SER A 234 -6.92 -1.01 -17.02
N TRP A 235 -6.87 0.11 -16.32
CA TRP A 235 -6.88 0.08 -14.86
C TRP A 235 -8.29 -0.03 -14.29
N GLN A 236 -9.24 0.72 -14.85
CA GLN A 236 -10.61 0.70 -14.35
C GLN A 236 -11.21 -0.70 -14.48
N SER A 237 -10.86 -1.39 -15.56
CA SER A 237 -11.36 -2.73 -15.81
C SER A 237 -11.02 -3.70 -14.69
N ILE A 238 -9.90 -3.49 -13.97
CA ILE A 238 -9.57 -4.35 -12.84
C ILE A 238 -9.82 -3.68 -11.50
N SER A 239 -10.14 -2.39 -11.47
CA SER A 239 -10.47 -1.74 -10.20
C SER A 239 -11.79 -2.26 -9.66
N LEU A 240 -11.81 -2.54 -8.35
CA LEU A 240 -13.05 -2.92 -7.67
C LEU A 240 -13.69 -1.77 -6.91
N PHE A 241 -13.01 -0.62 -6.80
CA PHE A 241 -13.39 0.34 -5.76
C PHE A 241 -14.79 0.89 -5.97
N GLU A 242 -15.14 1.24 -7.21
CA GLU A 242 -16.43 1.87 -7.44
C GLU A 242 -17.58 0.93 -7.13
N ARG A 243 -17.35 -0.37 -7.20
CA ARG A 243 -18.37 -1.34 -6.86
C ARG A 243 -18.46 -1.66 -5.38
N LEU A 244 -17.48 -1.22 -4.57
CA LEU A 244 -17.53 -1.56 -3.15
C LEU A 244 -18.73 -0.91 -2.47
N GLY A 245 -19.11 0.29 -2.91
CA GLY A 245 -20.20 1.00 -2.27
C GLY A 245 -21.54 0.30 -2.38
N GLY A 246 -21.68 -0.62 -3.33
CA GLY A 246 -22.89 -1.39 -3.52
C GLY A 246 -22.91 -2.74 -2.85
N LEU A 247 -21.81 -3.13 -2.20
CA LEU A 247 -21.75 -4.40 -1.51
C LEU A 247 -22.37 -4.27 -0.12
N ALA A 248 -22.70 -5.42 0.44
CA ALA A 248 -23.10 -5.53 1.83
C ALA A 248 -22.32 -6.65 2.50
N THR A 249 -21.02 -6.70 2.26
CA THR A 249 -20.21 -7.82 2.71
C THR A 249 -19.32 -7.40 3.87
N PRO A 250 -19.44 -8.00 5.05
CA PRO A 250 -18.54 -7.65 6.15
C PRO A 250 -17.09 -7.87 5.75
N ALA A 251 -16.21 -6.99 6.24
CA ALA A 251 -14.81 -7.02 5.86
C ALA A 251 -13.96 -6.70 7.08
N LEU A 252 -13.03 -7.61 7.42
CA LEU A 252 -12.04 -7.38 8.47
C LEU A 252 -10.77 -6.89 7.76
N ILE A 253 -10.50 -5.59 7.84
CA ILE A 253 -9.48 -4.93 7.06
C ILE A 253 -8.30 -4.61 7.97
N THR A 254 -7.10 -5.05 7.56
CA THR A 254 -5.86 -4.76 8.27
C THR A 254 -5.00 -3.87 7.40
N ALA A 255 -4.30 -2.91 8.01
CA ALA A 255 -3.35 -2.08 7.29
C ALA A 255 -2.15 -1.83 8.17
N GLY A 256 -1.10 -1.25 7.57
CA GLY A 256 0.10 -0.86 8.28
C GLY A 256 0.57 0.53 7.90
N TRP A 257 1.00 1.36 8.87
CA TRP A 257 1.29 2.76 8.56
C TRP A 257 2.43 2.92 7.56
N TYR A 258 3.30 1.92 7.42
CA TYR A 258 4.39 1.97 6.45
C TYR A 258 4.22 0.90 5.36
N ASP A 259 3.01 0.37 5.21
CA ASP A 259 2.74 -0.62 4.18
C ASP A 259 2.31 0.05 2.87
N GLY A 260 2.80 -0.50 1.75
CA GLY A 260 2.56 0.15 0.46
C GLY A 260 1.08 0.32 0.12
N PHE A 261 0.22 -0.55 0.65
CA PHE A 261 -1.21 -0.52 0.38
C PHE A 261 -2.02 0.35 1.35
N VAL A 262 -1.37 1.04 2.29
CA VAL A 262 -2.10 1.59 3.44
C VAL A 262 -3.18 2.57 3.00
N GLY A 263 -2.89 3.43 2.03
CA GLY A 263 -3.89 4.38 1.60
C GLY A 263 -5.14 3.71 1.05
N GLU A 264 -4.96 2.67 0.23
CA GLU A 264 -6.10 1.97 -0.35
C GLU A 264 -6.76 1.01 0.66
N SER A 265 -5.98 0.43 1.57
CA SER A 265 -6.58 -0.37 2.63
C SER A 265 -7.57 0.46 3.43
N LEU A 266 -7.16 1.66 3.84
CA LEU A 266 -8.05 2.50 4.65
C LEU A 266 -9.27 2.94 3.84
N ARG A 267 -9.07 3.26 2.56
CA ARG A 267 -10.21 3.68 1.75
C ARG A 267 -11.22 2.55 1.56
N THR A 268 -10.78 1.28 1.54
CA THR A 268 -11.79 0.22 1.47
C THR A 268 -12.66 0.22 2.72
N PHE A 269 -12.07 0.47 3.90
CA PHE A 269 -12.87 0.50 5.12
C PHE A 269 -13.92 1.60 5.06
N VAL A 270 -13.54 2.78 4.57
CA VAL A 270 -14.50 3.87 4.48
C VAL A 270 -15.59 3.51 3.47
N ALA A 271 -15.24 2.79 2.41
CA ALA A 271 -16.19 2.52 1.33
C ALA A 271 -17.23 1.47 1.72
N VAL A 272 -16.92 0.54 2.63
CA VAL A 272 -17.85 -0.53 2.98
C VAL A 272 -18.45 -0.39 4.39
N LYS A 273 -17.97 0.54 5.22
CA LYS A 273 -18.38 0.54 6.62
C LYS A 273 -19.87 0.84 6.80
N ASP A 274 -20.50 1.58 5.87
CA ASP A 274 -21.89 1.96 6.06
C ASP A 274 -22.86 0.84 5.71
N ASN A 275 -22.45 -0.15 4.92
CA ASN A 275 -23.39 -1.15 4.44
C ASN A 275 -23.22 -2.52 5.06
N ALA A 276 -22.15 -2.75 5.81
CA ALA A 276 -21.99 -4.02 6.49
C ALA A 276 -21.06 -3.82 7.68
N ASP A 277 -20.82 -4.90 8.40
CA ASP A 277 -19.95 -4.87 9.56
C ASP A 277 -18.50 -4.88 9.10
N ALA A 278 -17.89 -3.70 9.00
CA ALA A 278 -16.47 -3.56 8.68
C ALA A 278 -15.67 -3.38 9.96
N ARG A 279 -14.42 -3.85 9.94
CA ARG A 279 -13.51 -3.77 11.06
C ARG A 279 -12.15 -3.29 10.57
N LEU A 280 -11.46 -2.51 11.39
CA LEU A 280 -10.18 -1.93 10.99
C LEU A 280 -9.15 -2.21 12.06
N VAL A 281 -7.99 -2.70 11.63
CA VAL A 281 -6.82 -2.89 12.49
C VAL A 281 -5.64 -2.29 11.74
N VAL A 282 -4.95 -1.34 12.37
CA VAL A 282 -3.80 -0.71 11.72
C VAL A 282 -2.61 -0.77 12.67
N GLY A 283 -1.56 -1.46 12.24
CA GLY A 283 -0.33 -1.53 13.00
C GLY A 283 0.77 -0.72 12.34
N PRO A 284 1.92 -0.59 13.01
CA PRO A 284 2.99 0.28 12.50
C PRO A 284 3.94 -0.44 11.56
N TRP A 285 3.42 -1.37 10.76
CA TRP A 285 4.24 -2.31 9.99
C TRP A 285 4.51 -1.80 8.58
N SER A 286 5.60 -2.30 8.00
CA SER A 286 5.78 -2.23 6.55
C SER A 286 5.45 -3.59 5.96
N HIS A 287 5.43 -3.64 4.62
CA HIS A 287 4.90 -4.82 3.95
C HIS A 287 5.66 -6.07 4.34
N SER A 288 6.97 -5.95 4.52
CA SER A 288 7.82 -7.09 4.81
C SER A 288 8.46 -7.03 6.18
N ASN A 289 8.16 -6.03 7.01
CA ASN A 289 8.69 -5.95 8.37
C ASN A 289 7.48 -5.77 9.28
N LEU A 290 7.06 -6.85 9.91
CA LEU A 290 5.96 -6.85 10.85
C LEU A 290 6.44 -6.97 12.29
N THR A 291 7.73 -6.78 12.54
CA THR A 291 8.30 -7.01 13.86
C THR A 291 8.11 -5.86 14.82
N GLY A 292 7.83 -4.65 14.32
CA GLY A 292 7.85 -3.48 15.18
C GLY A 292 9.24 -2.95 15.51
N ARG A 293 10.30 -3.59 15.02
CA ARG A 293 11.67 -3.13 15.20
C ARG A 293 12.20 -2.58 13.88
N ASN A 294 12.79 -1.39 13.92
CA ASN A 294 13.42 -0.78 12.75
C ASN A 294 14.78 -0.23 13.16
N ALA A 295 15.61 0.08 12.17
CA ALA A 295 17.01 0.41 12.45
C ALA A 295 17.15 1.53 13.48
N ASP A 296 16.30 2.56 13.40
CA ASP A 296 16.41 3.70 14.29
C ASP A 296 15.09 3.99 15.02
N ARG A 297 14.19 3.02 15.08
CA ARG A 297 12.91 3.25 15.73
C ARG A 297 12.35 1.92 16.16
N LYS A 298 12.10 1.79 17.46
CA LYS A 298 11.50 0.60 18.05
C LYS A 298 10.13 0.98 18.59
N PHE A 299 9.11 0.18 18.26
CA PHE A 299 7.76 0.45 18.72
C PHE A 299 7.38 -0.39 19.94
N GLY A 300 8.28 -1.26 20.41
CA GLY A 300 8.02 -2.14 21.53
C GLY A 300 7.39 -3.46 21.10
N ILE A 301 7.53 -4.48 21.95
CA ILE A 301 7.07 -5.81 21.53
C ILE A 301 5.56 -5.83 21.31
N ALA A 302 4.80 -4.96 21.98
CA ALA A 302 3.36 -4.98 21.72
C ALA A 302 3.03 -4.59 20.27
N ALA A 303 3.95 -3.96 19.56
CA ALA A 303 3.71 -3.60 18.18
C ALA A 303 3.97 -4.75 17.20
N THR A 304 4.66 -5.80 17.62
CA THR A 304 4.83 -6.98 16.79
C THR A 304 3.47 -7.45 16.32
N TYR A 305 3.37 -7.80 15.03
CA TYR A 305 2.11 -8.25 14.46
C TYR A 305 1.51 -9.30 15.40
N PRO A 306 0.40 -9.03 16.00
CA PRO A 306 -0.12 -9.89 17.08
C PRO A 306 -0.93 -11.05 16.49
N ILE A 307 -0.21 -12.07 16.03
CA ILE A 307 -0.86 -13.10 15.22
C ILE A 307 -1.90 -13.88 16.01
N GLN A 308 -1.67 -14.08 17.32
CA GLN A 308 -2.66 -14.84 18.09
C GLN A 308 -3.92 -14.03 18.34
N GLU A 309 -3.78 -12.75 18.67
CA GLU A 309 -4.97 -11.92 18.78
C GLU A 309 -5.66 -11.74 17.43
N ALA A 310 -4.89 -11.67 16.32
CA ALA A 310 -5.49 -11.62 15.00
C ALA A 310 -6.26 -12.90 14.69
N THR A 311 -5.69 -14.06 15.04
CA THR A 311 -6.40 -15.33 14.88
C THR A 311 -7.70 -15.33 15.66
N THR A 312 -7.65 -14.91 16.92
CA THR A 312 -8.87 -14.84 17.73
C THR A 312 -9.89 -13.91 17.11
N MET A 313 -9.45 -12.78 16.57
CA MET A 313 -10.39 -11.82 16.00
C MET A 313 -11.01 -12.33 14.71
N HIS A 314 -10.21 -12.97 13.85
CA HIS A 314 -10.76 -13.52 12.62
C HIS A 314 -11.81 -14.58 12.93
N LYS A 315 -11.48 -15.47 13.87
CA LYS A 315 -12.42 -16.52 14.22
C LYS A 315 -13.71 -15.93 14.76
N ALA A 316 -13.59 -14.94 15.66
CA ALA A 316 -14.79 -14.27 16.13
C ALA A 316 -15.57 -13.66 14.98
N PHE A 317 -14.85 -13.07 14.02
CA PHE A 317 -15.49 -12.44 12.86
C PHE A 317 -16.21 -13.48 12.00
N PHE A 318 -15.55 -14.60 11.73
CA PHE A 318 -16.18 -15.64 10.92
C PHE A 318 -17.30 -16.33 11.69
N ASP A 319 -17.14 -16.50 13.00
CA ASP A 319 -18.22 -17.09 13.80
C ASP A 319 -19.50 -16.27 13.70
N ARG A 320 -19.37 -14.94 13.70
CA ARG A 320 -20.55 -14.08 13.63
C ARG A 320 -21.22 -14.14 12.26
N HIS A 321 -20.44 -14.11 11.17
CA HIS A 321 -21.02 -13.93 9.86
C HIS A 321 -21.19 -15.21 9.08
N LEU A 322 -20.43 -16.26 9.40
CA LEU A 322 -20.57 -17.53 8.71
C LEU A 322 -21.33 -18.56 9.52
N ARG A 323 -21.35 -18.44 10.83
CA ARG A 323 -22.11 -19.34 11.69
C ARG A 323 -23.29 -18.65 12.35
N GLY A 324 -23.50 -17.36 12.09
CA GLY A 324 -24.62 -16.66 12.68
C GLY A 324 -24.60 -16.56 14.19
N GLU A 325 -23.42 -16.60 14.80
CA GLU A 325 -23.33 -16.48 16.25
C GLU A 325 -23.38 -15.00 16.60
N THR A 326 -24.57 -14.53 16.99
CA THR A 326 -24.85 -13.11 17.04
C THR A 326 -24.01 -12.35 18.07
N ASP A 327 -23.48 -13.03 19.08
CA ASP A 327 -22.68 -12.37 20.10
C ASP A 327 -21.18 -12.56 19.92
N ALA A 328 -20.75 -13.15 18.80
CA ALA A 328 -19.36 -13.55 18.67
C ALA A 328 -18.41 -12.36 18.73
N LEU A 329 -18.84 -11.17 18.30
CA LEU A 329 -17.96 -10.02 18.26
C LEU A 329 -18.16 -9.07 19.44
N ALA A 330 -18.85 -9.52 20.49
CA ALA A 330 -18.98 -8.70 21.69
C ALA A 330 -17.61 -8.34 22.22
N GLY A 331 -17.46 -7.09 22.64
CA GLY A 331 -16.20 -6.60 23.15
C GLY A 331 -15.15 -6.25 22.11
N VAL A 332 -15.33 -6.65 20.86
CA VAL A 332 -14.35 -6.37 19.81
C VAL A 332 -14.59 -4.97 19.28
N PRO A 333 -13.59 -4.10 19.28
CA PRO A 333 -13.80 -2.73 18.80
C PRO A 333 -14.00 -2.71 17.28
N LYS A 334 -14.57 -1.60 16.83
CA LYS A 334 -14.76 -1.38 15.40
C LYS A 334 -13.43 -1.03 14.73
N VAL A 335 -12.63 -0.21 15.40
CA VAL A 335 -11.35 0.27 14.89
C VAL A 335 -10.32 0.07 15.98
N ARG A 336 -9.15 -0.40 15.62
CA ARG A 336 -8.05 -0.60 16.56
C ARG A 336 -6.76 -0.14 15.90
N LEU A 337 -6.18 0.93 16.41
CA LEU A 337 -5.00 1.55 15.82
C LEU A 337 -3.80 1.43 16.75
N PHE A 338 -2.63 1.16 16.18
CA PHE A 338 -1.41 1.39 16.92
C PHE A 338 -1.03 2.86 16.79
N VAL A 339 -1.19 3.61 17.87
CA VAL A 339 -0.94 5.05 17.87
C VAL A 339 0.54 5.25 18.17
N MET A 340 1.30 5.73 17.20
CA MET A 340 2.73 5.85 17.40
C MET A 340 3.04 7.09 18.26
N GLY A 341 4.28 7.16 18.72
CA GLY A 341 4.67 8.20 19.65
C GLY A 341 4.42 7.76 21.08
N ILE A 342 3.14 7.64 21.47
CA ILE A 342 2.85 6.95 22.73
C ILE A 342 3.06 5.46 22.55
N ASP A 343 3.11 4.99 21.31
CA ASP A 343 3.41 3.59 20.98
C ASP A 343 2.49 2.64 21.73
N GLU A 344 1.19 2.85 21.54
CA GLU A 344 0.16 2.09 22.24
C GLU A 344 -0.96 1.75 21.28
N TRP A 345 -1.54 0.57 21.48
CA TRP A 345 -2.77 0.22 20.80
C TRP A 345 -3.95 0.94 21.46
N ARG A 346 -4.90 1.36 20.63
CA ARG A 346 -6.04 2.11 21.15
C ARG A 346 -7.26 1.81 20.31
N ASP A 347 -8.40 1.61 20.98
CA ASP A 347 -9.67 1.38 20.30
C ASP A 347 -10.32 2.70 19.90
N GLU A 348 -10.97 2.70 18.75
CA GLU A 348 -11.77 3.82 18.27
C GLU A 348 -13.08 3.28 17.74
N THR A 349 -14.06 4.17 17.57
CA THR A 349 -15.36 3.77 17.05
C THR A 349 -15.49 3.95 15.55
N ASP A 350 -14.54 4.62 14.90
CA ASP A 350 -14.69 4.94 13.50
C ASP A 350 -13.33 5.31 12.91
N TRP A 351 -13.24 5.18 11.59
CA TRP A 351 -12.13 5.73 10.82
C TRP A 351 -12.72 6.43 9.59
N PRO A 352 -12.39 7.72 9.39
CA PRO A 352 -11.64 8.66 10.21
C PRO A 352 -12.19 8.78 11.63
N LEU A 353 -11.36 9.25 12.56
CA LEU A 353 -11.83 9.40 13.92
C LEU A 353 -12.90 10.49 14.00
N PRO A 354 -13.94 10.30 14.82
CA PRO A 354 -15.09 11.21 14.81
C PRO A 354 -14.76 12.67 15.05
N ASP A 355 -13.85 13.00 15.94
CA ASP A 355 -13.65 14.41 16.28
C ASP A 355 -12.35 14.94 15.67
N THR A 356 -12.07 14.54 14.44
CA THR A 356 -10.85 14.96 13.76
C THR A 356 -10.97 16.43 13.35
N ALA A 357 -9.97 17.25 13.72
CA ALA A 357 -9.92 18.65 13.34
C ALA A 357 -8.89 18.81 12.23
N TYR A 358 -9.35 18.96 11.00
CA TYR A 358 -8.44 19.05 9.86
C TYR A 358 -7.83 20.45 9.84
N THR A 359 -6.59 20.55 10.31
CA THR A 359 -6.01 21.82 10.72
C THR A 359 -4.87 22.19 9.79
N PRO A 360 -4.90 23.36 9.15
CA PRO A 360 -3.76 23.77 8.32
C PRO A 360 -2.57 24.17 9.18
N PHE A 361 -1.40 23.65 8.84
CA PHE A 361 -0.13 24.16 9.37
C PHE A 361 0.60 24.81 8.19
N TYR A 362 0.79 26.12 8.27
CA TYR A 362 1.26 26.91 7.12
C TYR A 362 2.78 26.92 7.05
N LEU A 363 3.29 26.87 5.82
CA LEU A 363 4.72 27.01 5.57
C LEU A 363 5.11 28.47 5.73
N GLY A 364 6.28 28.69 6.31
CA GLY A 364 6.72 30.04 6.54
C GLY A 364 8.19 30.11 6.87
N GLY A 365 8.61 31.27 7.40
CA GLY A 365 9.96 31.45 7.91
C GLY A 365 10.73 32.56 7.22
N SER A 366 11.76 33.07 7.88
CA SER A 366 12.67 34.02 7.25
C SER A 366 13.73 33.29 6.43
N GLY A 367 14.17 33.93 5.37
CA GLY A 367 15.19 33.31 4.54
C GLY A 367 14.71 32.08 3.80
N ALA A 368 15.68 31.34 3.28
CA ALA A 368 15.41 30.17 2.46
C ALA A 368 15.21 28.93 3.32
N ALA A 369 14.25 28.09 2.91
CA ALA A 369 13.93 26.87 3.63
C ALA A 369 14.70 25.65 3.13
N ASN A 370 15.66 25.83 2.23
CA ASN A 370 16.47 24.71 1.78
C ASN A 370 17.28 24.12 2.94
N THR A 371 17.39 22.78 2.96
CA THR A 371 18.09 21.98 3.98
C THR A 371 17.45 22.10 5.36
N SER A 372 17.84 21.18 6.27
CA SER A 372 17.30 21.21 7.62
C SER A 372 17.79 22.41 8.45
N THR A 373 18.83 23.12 8.01
CA THR A 373 19.31 24.31 8.70
C THR A 373 18.85 25.60 8.03
N GLY A 374 17.87 25.53 7.14
CA GLY A 374 17.22 26.71 6.62
C GLY A 374 16.26 27.30 7.66
N GLY A 375 15.51 28.30 7.23
CA GLY A 375 14.61 29.01 8.10
C GLY A 375 13.18 28.52 8.11
N GLY A 376 12.87 27.43 7.40
CA GLY A 376 11.48 27.01 7.23
C GLY A 376 10.73 26.72 8.52
N THR A 377 9.53 27.27 8.66
CA THR A 377 8.70 27.02 9.83
C THR A 377 7.34 26.45 9.43
N LEU A 378 6.71 25.77 10.38
CA LEU A 378 5.31 25.39 10.32
C LEU A 378 4.57 26.10 11.46
N SER A 379 3.35 26.56 11.19
CA SER A 379 2.57 27.29 12.17
C SER A 379 1.09 27.17 11.81
N THR A 380 0.22 27.21 12.82
CA THR A 380 -1.20 27.23 12.50
C THR A 380 -1.70 28.62 12.08
N SER A 381 -0.85 29.64 12.13
CA SER A 381 -1.19 30.98 11.65
C SER A 381 -0.65 31.18 10.24
N ILE A 382 -1.42 31.89 9.43
CA ILE A 382 -0.97 32.23 8.09
C ILE A 382 0.32 33.04 8.16
N SER A 383 1.27 32.71 7.27
CA SER A 383 2.50 33.48 7.18
C SER A 383 2.21 34.92 6.76
N GLY A 384 2.90 35.87 7.38
CA GLY A 384 2.63 37.28 7.14
C GLY A 384 3.33 37.91 5.95
N THR A 385 4.43 37.30 5.52
CA THR A 385 5.27 37.84 4.47
C THR A 385 5.26 36.90 3.28
N GLU A 386 5.09 37.46 2.09
CA GLU A 386 5.07 36.68 0.86
C GLU A 386 6.50 36.30 0.49
N SER A 387 6.80 35.00 0.44
CA SER A 387 8.13 34.54 0.08
C SER A 387 8.03 33.34 -0.84
N ALA A 388 9.18 32.76 -1.16
CA ALA A 388 9.22 31.60 -2.03
C ALA A 388 10.56 30.92 -1.87
N ASP A 389 10.55 29.58 -1.92
CA ASP A 389 11.75 28.78 -1.80
C ASP A 389 12.02 28.12 -3.14
N THR A 390 13.28 28.09 -3.54
CA THR A 390 13.62 27.69 -4.90
C THR A 390 14.74 26.67 -4.86
N TYR A 391 14.64 25.67 -5.74
CA TYR A 391 15.64 24.62 -5.80
C TYR A 391 15.67 24.05 -7.21
N LEU A 392 16.76 23.36 -7.50
CA LEU A 392 16.96 22.67 -8.76
C LEU A 392 16.62 21.21 -8.56
N TYR A 393 15.63 20.71 -9.31
CA TYR A 393 15.39 19.28 -9.37
C TYR A 393 16.04 18.76 -10.65
N ASP A 394 17.05 17.94 -10.48
CA ASP A 394 17.78 17.29 -11.56
C ASP A 394 17.42 15.82 -11.55
N PRO A 395 16.75 15.30 -12.59
CA PRO A 395 16.42 13.86 -12.63
C PRO A 395 17.60 12.92 -12.43
N ALA A 396 18.81 13.32 -12.83
CA ALA A 396 19.95 12.44 -12.65
C ALA A 396 20.36 12.31 -11.20
N ASP A 397 19.92 13.25 -10.35
CA ASP A 397 20.22 13.25 -8.92
C ASP A 397 18.92 13.42 -8.13
N PRO A 398 18.07 12.39 -8.09
CA PRO A 398 16.82 12.49 -7.32
C PRO A 398 17.06 12.34 -5.82
N VAL A 399 16.07 12.77 -5.04
CA VAL A 399 16.11 12.56 -3.60
C VAL A 399 15.91 11.06 -3.34
N PRO A 400 16.85 10.39 -2.68
CA PRO A 400 16.68 8.96 -2.45
C PRO A 400 15.53 8.68 -1.50
N SER A 401 14.80 7.60 -1.80
CA SER A 401 13.75 7.11 -0.92
C SER A 401 14.38 6.60 0.36
N LEU A 402 13.76 6.94 1.49
CA LEU A 402 14.27 6.56 2.81
C LEU A 402 13.09 6.23 3.71
N GLY A 403 12.81 4.95 3.88
CA GLY A 403 11.66 4.56 4.69
C GLY A 403 10.34 4.81 3.98
N GLY A 404 9.32 5.18 4.76
CA GLY A 404 8.02 5.37 4.16
C GLY A 404 7.37 4.04 3.81
N THR A 405 6.69 4.00 2.66
CA THR A 405 5.95 2.81 2.26
C THR A 405 6.65 2.03 1.15
N LEU A 406 7.98 2.10 1.11
CA LEU A 406 8.73 1.25 0.19
C LEU A 406 8.35 -0.21 0.39
N LEU A 407 8.36 -0.96 -0.71
CA LEU A 407 7.96 -2.36 -0.69
C LEU A 407 9.15 -3.31 -0.76
N PHE A 408 10.03 -3.15 -1.74
CA PHE A 408 11.14 -4.07 -1.94
C PHE A 408 12.50 -3.41 -1.89
N HIS A 409 12.61 -2.14 -2.27
CA HIS A 409 13.84 -1.38 -2.07
C HIS A 409 13.90 -0.93 -0.62
N ASN A 410 14.75 -1.58 0.18
CA ASN A 410 14.90 -1.22 1.59
C ASN A 410 13.54 -0.96 2.23
N GLY A 411 12.65 -1.96 2.11
CA GLY A 411 11.28 -1.82 2.55
C GLY A 411 11.04 -2.34 3.95
N ASP A 412 12.11 -2.47 4.76
CA ASP A 412 12.00 -2.97 6.13
C ASP A 412 12.38 -1.91 7.15
N ASN A 413 12.23 -0.63 6.82
CA ASN A 413 12.66 0.45 7.70
C ASN A 413 11.75 1.66 7.50
N GLY A 414 10.42 1.43 7.57
CA GLY A 414 9.44 2.47 7.40
C GLY A 414 9.74 3.77 8.13
N PRO A 415 9.85 3.72 9.47
CA PRO A 415 10.16 4.93 10.26
C PRO A 415 11.64 5.31 10.18
N ALA A 416 12.11 5.59 8.97
CA ALA A 416 13.53 5.82 8.73
C ALA A 416 13.95 7.22 9.18
N ASP A 417 15.13 7.29 9.77
CA ASP A 417 15.76 8.58 10.05
C ASP A 417 16.10 9.29 8.75
N GLN A 418 15.68 10.55 8.63
CA GLN A 418 15.81 11.33 7.41
C GLN A 418 17.10 12.15 7.35
N ARG A 419 17.85 12.24 8.43
CA ARG A 419 19.02 13.10 8.43
C ARG A 419 19.99 12.90 7.26
N PRO A 420 20.17 11.69 6.71
CA PRO A 420 21.10 11.55 5.57
C PRO A 420 20.74 12.36 4.31
N ILE A 421 19.51 12.88 4.18
CA ILE A 421 19.13 13.71 3.05
C ILE A 421 18.80 15.15 3.45
N HIS A 422 18.93 15.50 4.73
CA HIS A 422 18.64 16.84 5.23
C HIS A 422 19.54 17.92 4.67
N ASP A 423 20.71 17.54 4.19
CA ASP A 423 21.69 18.48 3.68
C ASP A 423 21.40 18.91 2.25
N ARG A 424 20.37 18.33 1.60
CA ARG A 424 20.22 18.49 0.17
C ARG A 424 19.54 19.82 -0.12
N ASP A 425 20.08 20.56 -1.09
CA ASP A 425 19.46 21.83 -1.43
C ASP A 425 18.05 21.65 -1.99
N ASP A 426 17.70 20.50 -2.56
CA ASP A 426 16.36 20.31 -3.07
C ASP A 426 15.38 19.74 -2.04
N VAL A 427 15.78 19.62 -0.80
CA VAL A 427 14.89 19.17 0.26
C VAL A 427 14.58 20.39 1.12
N LEU A 428 13.39 20.96 0.94
CA LEU A 428 12.95 22.09 1.75
C LEU A 428 12.35 21.56 3.04
N CYS A 429 12.76 22.15 4.15
CA CYS A 429 12.35 21.71 5.47
C CYS A 429 11.61 22.84 6.19
N TYR A 430 10.50 22.49 6.83
CA TYR A 430 9.70 23.41 7.62
C TYR A 430 9.30 22.68 8.90
N SER A 431 9.47 23.32 10.05
CA SER A 431 9.09 22.62 11.27
C SER A 431 8.57 23.60 12.31
N THR A 432 7.80 23.05 13.24
CA THR A 432 7.32 23.80 14.38
C THR A 432 8.47 24.06 15.35
N GLU A 433 8.22 24.95 16.31
CA GLU A 433 9.07 25.00 17.48
C GLU A 433 9.00 23.66 18.21
N VAL A 434 9.98 23.42 19.08
CA VAL A 434 9.92 22.28 19.98
C VAL A 434 8.62 22.35 20.76
N LEU A 435 7.91 21.24 20.86
CA LEU A 435 6.58 21.24 21.47
C LEU A 435 6.70 21.12 22.99
N THR A 436 5.85 21.85 23.70
CA THR A 436 5.79 21.66 25.13
C THR A 436 4.60 20.81 25.56
N ASP A 437 3.62 20.62 24.68
CA ASP A 437 2.46 19.76 24.92
C ASP A 437 2.31 18.77 23.77
N PRO A 438 1.76 17.59 24.01
CA PRO A 438 1.66 16.61 22.93
C PRO A 438 0.64 17.04 21.87
N VAL A 439 0.95 16.69 20.63
CA VAL A 439 0.07 16.95 19.49
C VAL A 439 -0.18 15.62 18.80
N GLU A 440 -1.43 15.16 18.81
CA GLU A 440 -1.78 13.92 18.14
C GLU A 440 -2.28 14.21 16.73
N VAL A 441 -1.66 13.54 15.76
CA VAL A 441 -2.04 13.60 14.35
C VAL A 441 -2.48 12.19 13.94
N THR A 442 -3.79 11.97 13.78
CA THR A 442 -4.32 10.65 13.42
C THR A 442 -5.43 10.78 12.38
N GLY A 443 -5.17 10.33 11.18
CA GLY A 443 -6.14 10.44 10.11
C GLY A 443 -5.43 10.48 8.77
N THR A 444 -6.19 10.82 7.74
CA THR A 444 -5.59 11.04 6.43
C THR A 444 -4.88 12.39 6.42
N VAL A 445 -3.81 12.46 5.64
CA VAL A 445 -2.95 13.64 5.62
C VAL A 445 -2.78 14.07 4.18
N SER A 446 -2.89 15.38 3.93
CA SER A 446 -2.63 15.94 2.61
C SER A 446 -1.96 17.29 2.75
N ALA A 447 -1.39 17.76 1.65
CA ALA A 447 -0.82 19.09 1.56
C ALA A 447 -1.49 19.86 0.42
N ARG A 448 -1.53 21.17 0.58
CA ARG A 448 -1.97 22.09 -0.46
C ARG A 448 -0.86 23.08 -0.67
N LEU A 449 -0.16 22.99 -1.80
CA LEU A 449 1.00 23.83 -2.03
C LEU A 449 0.76 24.71 -3.25
N PHE A 450 1.23 25.96 -3.17
CA PHE A 450 1.32 26.84 -4.33
C PHE A 450 2.72 26.71 -4.92
N VAL A 451 2.80 26.19 -6.15
CA VAL A 451 4.04 25.79 -6.76
C VAL A 451 4.16 26.41 -8.15
N SER A 452 5.39 26.46 -8.65
CA SER A 452 5.62 26.84 -10.03
C SER A 452 6.88 26.13 -10.50
N SER A 453 7.00 26.00 -11.83
CA SER A 453 8.13 25.29 -12.40
C SER A 453 8.60 25.98 -13.66
N SER A 454 9.88 25.81 -13.97
CA SER A 454 10.40 26.20 -15.27
C SER A 454 10.06 25.17 -16.34
N ALA A 455 9.59 24.01 -15.93
CA ALA A 455 9.26 22.93 -16.85
C ALA A 455 7.76 22.89 -17.07
N VAL A 456 7.35 22.18 -18.12
CA VAL A 456 5.94 22.00 -18.44
C VAL A 456 5.34 20.79 -17.74
N ASP A 457 6.14 20.04 -16.99
CA ASP A 457 5.69 19.00 -16.09
C ASP A 457 6.82 18.79 -15.10
N THR A 458 6.45 18.35 -13.89
CA THR A 458 7.41 18.02 -12.85
C THR A 458 6.62 17.35 -11.73
N ASP A 459 7.32 16.95 -10.67
CA ASP A 459 6.67 16.35 -9.50
C ASP A 459 6.84 17.29 -8.30
N PHE A 460 5.93 17.18 -7.34
CA PHE A 460 6.16 17.74 -6.02
C PHE A 460 5.84 16.70 -4.95
N THR A 461 6.69 16.64 -3.93
CA THR A 461 6.57 15.67 -2.86
C THR A 461 6.39 16.37 -1.52
N ALA A 462 5.72 15.69 -0.59
CA ALA A 462 5.61 16.18 0.78
C ALA A 462 5.70 15.00 1.72
N LYS A 463 6.52 15.14 2.77
CA LYS A 463 6.77 14.07 3.74
C LYS A 463 6.66 14.63 5.15
N LEU A 464 5.87 13.97 5.98
CA LEU A 464 5.68 14.38 7.37
C LEU A 464 6.66 13.62 8.27
N VAL A 465 7.27 14.32 9.22
CA VAL A 465 8.42 13.82 9.97
C VAL A 465 8.27 14.20 11.45
N ASP A 466 8.63 13.28 12.34
CA ASP A 466 8.70 13.50 13.78
C ASP A 466 10.18 13.66 14.16
N VAL A 467 10.56 14.86 14.60
CA VAL A 467 11.92 15.13 15.03
C VAL A 467 12.04 14.83 16.53
N PHE A 468 12.90 13.87 16.87
CA PHE A 468 13.09 13.45 18.24
C PHE A 468 14.09 14.38 18.95
N PRO A 469 14.06 14.41 20.28
CA PRO A 469 15.07 15.19 21.02
C PRO A 469 16.51 14.85 20.65
N ASP A 470 16.82 13.59 20.41
CA ASP A 470 18.20 13.20 20.14
C ASP A 470 18.64 13.54 18.73
N GLY A 471 17.76 14.09 17.87
CA GLY A 471 18.11 14.46 16.52
C GLY A 471 17.50 13.58 15.45
N ARG A 472 17.10 12.35 15.79
CA ARG A 472 16.41 11.50 14.82
C ARG A 472 15.22 12.21 14.20
N ALA A 473 15.14 12.17 12.88
CA ALA A 473 14.04 12.78 12.13
C ALA A 473 13.28 11.66 11.45
N ILE A 474 12.21 11.18 12.11
CA ILE A 474 11.57 9.91 11.77
C ILE A 474 10.43 10.14 10.79
N ALA A 475 10.55 9.53 9.60
CA ALA A 475 9.50 9.63 8.59
C ALA A 475 8.19 9.04 9.11
N LEU A 476 7.08 9.73 8.79
CA LEU A 476 5.76 9.21 9.09
C LEU A 476 5.08 8.89 7.77
N CYS A 477 4.39 9.83 7.12
CA CYS A 477 3.72 9.54 5.86
C CYS A 477 4.21 10.52 4.81
N ASP A 478 3.95 10.20 3.54
CA ASP A 478 4.43 11.06 2.46
C ASP A 478 3.56 10.85 1.23
N GLY A 479 3.63 11.80 0.30
CA GLY A 479 2.97 11.64 -0.97
C GLY A 479 3.69 12.39 -2.08
N ILE A 480 3.13 12.26 -3.29
CA ILE A 480 3.68 12.90 -4.47
C ILE A 480 2.51 13.40 -5.32
N VAL A 481 2.74 14.47 -6.06
CA VAL A 481 1.84 14.84 -7.16
C VAL A 481 2.68 15.02 -8.41
N ARG A 482 2.33 14.28 -9.46
CA ARG A 482 2.88 14.49 -10.79
C ARG A 482 2.03 15.55 -11.47
N MET A 483 2.65 16.69 -11.82
CA MET A 483 1.87 17.89 -12.14
C MET A 483 0.87 17.68 -13.27
N ARG A 484 1.18 16.82 -14.25
CA ARG A 484 0.23 16.62 -15.34
C ARG A 484 -1.06 16.01 -14.83
N TYR A 485 -0.99 15.24 -13.74
CA TYR A 485 -2.16 14.63 -13.12
C TYR A 485 -2.72 15.45 -11.95
N ARG A 486 -2.42 16.75 -11.90
CA ARG A 486 -2.77 17.55 -10.72
C ARG A 486 -4.28 17.65 -10.53
N GLU A 487 -5.05 17.63 -11.61
CA GLU A 487 -6.51 17.70 -11.53
C GLU A 487 -7.17 16.34 -11.66
N THR A 488 -6.58 15.43 -12.43
CA THR A 488 -7.18 14.14 -12.72
C THR A 488 -6.09 13.13 -13.06
N LEU A 489 -6.25 11.90 -12.56
CA LEU A 489 -5.37 10.81 -12.96
C LEU A 489 -5.73 10.26 -14.33
N VAL A 490 -6.83 10.73 -14.92
CA VAL A 490 -7.39 10.12 -16.12
C VAL A 490 -7.06 10.93 -17.37
N ASN A 491 -7.16 12.25 -17.31
CA ASN A 491 -7.03 13.12 -18.48
C ASN A 491 -5.99 14.21 -18.22
N PRO A 492 -4.71 13.86 -18.20
CA PRO A 492 -3.68 14.83 -17.82
C PRO A 492 -3.52 15.98 -18.81
N THR A 493 -3.08 17.11 -18.29
CA THR A 493 -2.70 18.26 -19.11
C THR A 493 -1.40 18.82 -18.55
N LEU A 494 -0.62 19.45 -19.44
CA LEU A 494 0.64 20.04 -19.01
C LEU A 494 0.38 21.37 -18.31
N ILE A 495 1.44 21.96 -17.77
CA ILE A 495 1.38 23.23 -17.06
C ILE A 495 2.19 24.26 -17.82
N GLU A 496 1.95 25.53 -17.51
CA GLU A 496 2.69 26.65 -18.08
C GLU A 496 3.88 26.97 -17.19
N ALA A 497 5.07 27.00 -17.79
CA ALA A 497 6.27 27.38 -17.05
C ALA A 497 6.08 28.73 -16.41
N GLY A 498 6.45 28.85 -15.13
CA GLY A 498 6.34 30.10 -14.42
C GLY A 498 4.99 30.41 -13.81
N GLU A 499 3.94 29.71 -14.19
CA GLU A 499 2.63 30.00 -13.60
C GLU A 499 2.50 29.29 -12.27
N ILE A 500 1.85 29.94 -11.31
CA ILE A 500 1.63 29.38 -9.99
C ILE A 500 0.37 28.54 -9.99
N TYR A 501 0.48 27.29 -9.54
CA TYR A 501 -0.66 26.38 -9.40
C TYR A 501 -0.86 26.04 -7.93
N GLU A 502 -2.12 25.88 -7.53
CA GLU A 502 -2.46 25.32 -6.23
C GLU A 502 -2.76 23.83 -6.43
N VAL A 503 -1.95 22.97 -5.81
CA VAL A 503 -2.09 21.54 -6.01
C VAL A 503 -2.21 20.85 -4.66
N ALA A 504 -2.95 19.75 -4.65
CA ALA A 504 -3.08 18.88 -3.48
C ALA A 504 -2.10 17.71 -3.60
N ILE A 505 -1.50 17.34 -2.48
CA ILE A 505 -0.63 16.17 -2.41
C ILE A 505 -1.24 15.22 -1.39
N ASP A 506 -1.64 14.04 -1.85
CA ASP A 506 -2.20 13.00 -0.99
C ASP A 506 -1.06 12.31 -0.28
N MET A 507 -0.99 12.52 1.04
CA MET A 507 0.08 11.94 1.85
C MET A 507 -0.39 10.74 2.68
N LEU A 508 -1.42 10.03 2.19
CA LEU A 508 -1.86 8.76 2.75
C LEU A 508 -2.36 9.01 4.18
N ALA A 509 -1.77 8.41 5.20
CA ALA A 509 -2.35 8.52 6.53
C ALA A 509 -1.32 8.16 7.58
N THR A 510 -1.61 8.52 8.81
CA THR A 510 -0.73 8.19 9.92
C THR A 510 -1.49 8.25 11.23
N SER A 511 -0.87 7.73 12.28
CA SER A 511 -1.30 7.94 13.67
C SER A 511 -0.06 8.19 14.52
N ASN A 512 0.14 9.43 14.95
CA ASN A 512 1.33 9.73 15.74
C ASN A 512 1.02 10.83 16.74
N VAL A 513 1.35 10.60 18.00
CA VAL A 513 1.43 11.66 18.98
C VAL A 513 2.84 12.21 18.96
N PHE A 514 2.98 13.47 18.54
CA PHE A 514 4.23 14.18 18.67
C PHE A 514 4.36 14.62 20.13
N LEU A 515 5.36 14.11 20.83
CA LEU A 515 5.44 14.26 22.28
C LEU A 515 6.20 15.52 22.64
N PRO A 516 6.07 16.00 23.87
CA PRO A 516 6.84 17.17 24.29
C PRO A 516 8.33 16.95 24.02
N GLY A 517 8.98 18.00 23.53
CA GLY A 517 10.36 17.90 23.13
C GLY A 517 10.58 17.53 21.68
N HIS A 518 9.55 17.05 20.99
CA HIS A 518 9.60 16.74 19.57
C HIS A 518 9.25 17.96 18.73
N ARG A 519 9.46 17.85 17.42
CA ARG A 519 8.97 18.86 16.49
C ARG A 519 8.14 18.19 15.40
N ILE A 520 7.16 18.92 14.85
CA ILE A 520 6.51 18.51 13.61
C ILE A 520 7.29 19.13 12.46
N MET A 521 7.64 18.30 11.47
CA MET A 521 8.44 18.75 10.33
C MET A 521 7.82 18.25 9.03
N VAL A 522 7.97 19.05 7.96
CA VAL A 522 7.61 18.65 6.61
C VAL A 522 8.80 18.88 5.71
N GLN A 523 9.13 17.88 4.89
CA GLN A 523 10.03 18.02 3.74
C GLN A 523 9.24 18.14 2.45
N VAL A 524 9.61 19.12 1.62
CA VAL A 524 9.03 19.31 0.30
C VAL A 524 10.16 19.23 -0.73
N SER A 525 9.88 18.57 -1.85
CA SER A 525 10.89 18.39 -2.89
C SER A 525 10.16 18.07 -4.19
N SER A 526 10.88 17.47 -5.13
CA SER A 526 10.31 17.11 -6.42
C SER A 526 10.68 15.69 -6.84
N SER A 527 11.24 14.89 -5.93
CA SER A 527 11.54 13.50 -6.23
C SER A 527 11.55 12.70 -4.94
N ASN A 528 11.39 11.39 -5.10
CA ASN A 528 11.41 10.42 -4.00
C ASN A 528 11.62 9.06 -4.65
N PHE A 529 12.86 8.74 -4.96
CA PHE A 529 13.22 7.68 -5.89
C PHE A 529 14.03 6.62 -5.17
N PRO A 530 13.72 5.34 -5.41
CA PRO A 530 12.77 4.76 -6.36
C PRO A 530 11.39 4.42 -5.81
N LYS A 531 10.99 4.94 -4.65
CA LYS A 531 9.61 4.79 -4.23
C LYS A 531 8.67 5.19 -5.36
N TYR A 532 8.98 6.32 -6.01
CA TYR A 532 8.31 6.76 -7.20
C TYR A 532 9.34 6.92 -8.31
N ASP A 533 8.94 6.69 -9.55
CA ASP A 533 9.86 6.97 -10.63
C ASP A 533 10.05 8.48 -10.76
N ARG A 534 11.10 8.90 -11.46
CA ARG A 534 11.49 10.30 -11.48
C ARG A 534 10.89 11.02 -12.68
N ASN A 535 10.34 12.21 -12.43
CA ASN A 535 9.82 13.01 -13.55
C ASN A 535 10.97 13.52 -14.41
N SER A 536 10.80 13.39 -15.72
CA SER A 536 11.77 13.85 -16.71
C SER A 536 11.72 15.35 -16.97
N ASN A 537 10.71 16.05 -16.44
CA ASN A 537 10.56 17.51 -16.57
C ASN A 537 10.41 17.96 -18.02
N THR A 538 9.87 17.09 -18.89
CA THR A 538 9.71 17.41 -20.30
C THR A 538 8.26 17.44 -20.78
N GLY A 539 7.33 16.82 -20.06
CA GLY A 539 6.01 16.55 -20.61
C GLY A 539 5.94 15.35 -21.52
N GLY A 540 7.03 14.60 -21.69
CA GLY A 540 7.07 13.44 -22.56
C GLY A 540 6.43 12.22 -21.93
N VAL A 541 6.57 11.09 -22.63
CA VAL A 541 6.17 9.80 -22.05
C VAL A 541 7.34 9.36 -21.17
N ILE A 542 7.22 9.65 -19.87
CA ILE A 542 8.37 9.56 -18.94
C ILE A 542 9.10 8.23 -19.08
N ALA A 543 8.36 7.12 -19.11
CA ALA A 543 9.01 5.81 -19.13
C ALA A 543 9.71 5.49 -20.46
N ARG A 544 9.55 6.32 -21.49
CA ARG A 544 10.18 6.08 -22.77
C ARG A 544 11.36 6.99 -23.03
N GLU A 545 11.74 7.82 -22.06
CA GLU A 545 12.79 8.81 -22.25
C GLU A 545 14.13 8.29 -21.75
N GLN A 546 15.19 8.61 -22.50
CA GLN A 546 16.55 8.41 -22.01
C GLN A 546 16.87 9.50 -21.00
N LEU A 547 17.69 9.15 -20.00
CA LEU A 547 18.14 10.15 -19.03
C LEU A 547 18.70 11.39 -19.72
N GLU A 548 19.48 11.18 -20.80
CA GLU A 548 20.01 12.30 -21.58
C GLU A 548 18.90 13.22 -22.09
N GLU A 549 17.76 12.63 -22.50
CA GLU A 549 16.64 13.43 -23.01
C GLU A 549 15.94 14.23 -21.93
N MET A 550 16.14 13.89 -20.65
CA MET A 550 15.41 14.58 -19.60
C MET A 550 16.02 15.95 -19.34
N CYS A 551 15.22 16.82 -18.71
CA CYS A 551 15.65 18.17 -18.37
C CYS A 551 15.68 18.36 -16.86
N THR A 552 16.51 19.28 -16.41
CA THR A 552 16.40 19.76 -15.05
C THR A 552 15.30 20.82 -14.98
N ALA A 553 14.79 21.03 -13.77
CA ALA A 553 13.72 21.99 -13.55
C ALA A 553 14.05 22.84 -12.33
N VAL A 554 13.76 24.13 -12.43
CA VAL A 554 13.85 25.06 -11.32
C VAL A 554 12.46 25.18 -10.76
N ASN A 555 12.25 24.67 -9.55
CA ASN A 555 10.92 24.58 -8.98
C ASN A 555 10.84 25.46 -7.75
N ARG A 556 9.64 25.94 -7.47
CA ARG A 556 9.46 26.95 -6.45
C ARG A 556 8.21 26.67 -5.66
N ILE A 557 8.33 26.75 -4.34
CA ILE A 557 7.19 26.72 -3.43
C ILE A 557 6.90 28.16 -3.03
N HIS A 558 5.63 28.57 -3.13
CA HIS A 558 5.23 29.93 -2.82
C HIS A 558 4.49 29.93 -1.49
N ARG A 559 4.82 30.88 -0.62
CA ARG A 559 4.22 30.86 0.73
C ARG A 559 4.03 32.28 1.23
N GLY A 560 2.86 32.54 1.82
CA GLY A 560 2.56 33.83 2.37
C GLY A 560 1.06 34.04 2.50
N PRO A 561 0.62 35.31 2.64
CA PRO A 561 -0.81 35.57 2.80
C PRO A 561 -1.63 35.25 1.56
N GLU A 562 -1.09 35.50 0.36
CA GLU A 562 -1.82 35.22 -0.86
C GLU A 562 -1.55 33.83 -1.42
N HIS A 563 -0.50 33.17 -0.97
CA HIS A 563 -0.18 31.79 -1.39
C HIS A 563 0.03 30.94 -0.15
N PRO A 564 -1.07 30.68 0.64
CA PRO A 564 -0.93 30.01 1.95
C PRO A 564 -0.76 28.49 1.84
N SER A 565 0.34 28.07 1.20
CA SER A 565 0.75 26.66 1.22
C SER A 565 0.75 26.13 2.65
N HIS A 566 0.23 24.92 2.82
CA HIS A 566 0.12 24.32 4.15
C HIS A 566 0.00 22.81 4.02
N ILE A 567 0.22 22.12 5.14
CA ILE A 567 -0.14 20.72 5.27
C ILE A 567 -1.38 20.65 6.16
N VAL A 568 -2.34 19.80 5.79
CA VAL A 568 -3.55 19.63 6.56
C VAL A 568 -3.34 18.46 7.51
N LEU A 569 -3.27 18.77 8.83
CA LEU A 569 -3.02 17.68 9.76
C LEU A 569 -4.32 17.28 10.45
N PRO A 570 -4.63 15.99 10.50
CA PRO A 570 -5.81 15.54 11.24
C PRO A 570 -5.58 15.53 12.74
N ILE A 571 -5.93 16.63 13.41
CA ILE A 571 -5.58 16.82 14.82
C ILE A 571 -6.63 16.15 15.69
N ILE A 572 -6.16 15.38 16.66
CA ILE A 572 -6.98 14.73 17.67
C ILE A 572 -6.58 15.32 19.01
N LYS A 573 -7.55 15.78 19.79
CA LYS A 573 -7.23 16.38 21.08
C LYS A 573 -8.08 15.70 22.16
N ARG A 574 -7.40 15.08 23.12
CA ARG A 574 -8.04 14.36 24.22
C ARG A 574 -7.28 14.60 25.53
C BEZ B . 2.30 -9.23 -2.32
O1 BEZ B . 3.10 -9.36 -1.35
O2 BEZ B . 1.38 -10.07 -2.51
C1 BEZ B . 2.46 -8.04 -3.22
C2 BEZ B . 1.67 -7.90 -4.35
C3 BEZ B . 1.84 -6.79 -5.17
C4 BEZ B . 2.78 -5.82 -4.87
C5 BEZ B . 3.57 -5.96 -3.71
C6 BEZ B . 3.41 -7.07 -2.89
#